data_6ZN8
#
_entry.id   6ZN8
#
_cell.length_a   256.750
_cell.length_b   256.750
_cell.length_c   256.750
_cell.angle_alpha   90.000
_cell.angle_beta   90.000
_cell.angle_gamma   90.000
#
_symmetry.space_group_name_H-M   'I 41 3 2'
#
loop_
_entity.id
_entity.type
_entity.pdbx_description
1 polymer 'Endoribonuclease VapD'
2 polymer VapX
#
loop_
_entity_poly.entity_id
_entity_poly.type
_entity_poly.pdbx_seq_one_letter_code
_entity_poly.pdbx_strand_id
1 'polypeptide(L)'
;(MSE)YAIAFDLVVKDTQDYHPKGVQEAYTDIGAVLAKFGFVRTQGSLYTN(MSE)NED(MSE)ANLFQA(MSE)NALKQ
LAWISQSVRDIRAFRIEQWSDFTDFIRNLEHHHHHH
;
A,B,D,E
2 'polypeptide(L)'
;(MSE)AS(MSE)TGGQQ(MSE)GRDPNSSS(MSE)ELRQQIPTGCIKQFGQFGVPYVVGEVAEFLPDGDVLVNITLLQSG
EKDIYRLSYLLEDPEAE
;
C,F
#
# COMPACT_ATOMS: atom_id res chain seq x y z
N MSE A 1 11.15 10.61 13.56
CA MSE A 1 10.08 10.10 12.69
C MSE A 1 9.46 11.19 11.79
O MSE A 1 9.28 12.33 12.24
CB MSE A 1 8.99 9.45 13.54
CG MSE A 1 7.79 8.97 12.77
SE MSE A 1 6.56 7.84 13.82
CE MSE A 1 4.96 8.64 13.17
N TYR A 2 9.13 10.84 10.55
CA TYR A 2 8.48 11.79 9.65
C TYR A 2 7.08 11.29 9.29
N ALA A 3 6.19 12.22 9.07
CA ALA A 3 4.85 11.86 8.63
C ALA A 3 4.52 12.72 7.44
N ILE A 4 3.73 12.12 6.55
CA ILE A 4 3.08 12.82 5.47
C ILE A 4 1.60 12.59 5.66
N ALA A 5 0.83 13.68 5.65
CA ALA A 5 -0.62 13.61 5.79
C ALA A 5 -1.25 14.39 4.65
N PHE A 6 -2.34 13.88 4.09
CA PHE A 6 -2.94 14.55 2.93
C PHE A 6 -4.41 14.18 2.78
N ASP A 7 -5.12 15.04 2.05
CA ASP A 7 -6.53 14.88 1.68
C ASP A 7 -6.69 15.15 0.19
N LEU A 8 -7.47 14.32 -0.48
CA LEU A 8 -7.83 14.53 -1.88
C LEU A 8 -9.22 15.17 -1.98
N VAL A 9 -9.46 15.90 -3.06
CA VAL A 9 -10.81 16.36 -3.39
C VAL A 9 -11.46 15.30 -4.26
N VAL A 10 -12.57 14.73 -3.79
CA VAL A 10 -13.10 13.53 -4.44
C VAL A 10 -13.73 13.85 -5.78
N LYS A 11 -14.45 14.99 -5.87
CA LYS A 11 -14.99 15.39 -7.16
C LYS A 11 -13.87 15.63 -8.16
N ASP A 12 -12.81 16.32 -7.73
CA ASP A 12 -11.66 16.60 -8.59
C ASP A 12 -10.89 15.33 -8.93
N THR A 13 -10.69 14.45 -7.95
CA THR A 13 -9.89 13.27 -8.21
C THR A 13 -10.54 12.38 -9.25
N GLN A 14 -11.86 12.20 -9.17
CA GLN A 14 -12.54 11.33 -10.14
C GLN A 14 -12.46 11.93 -11.54
N ASP A 15 -12.62 13.26 -11.65
CA ASP A 15 -12.56 13.92 -12.95
C ASP A 15 -11.18 13.74 -13.58
N TYR A 16 -10.12 13.87 -12.80
CA TYR A 16 -8.77 13.97 -13.33
C TYR A 16 -7.98 12.66 -13.31
N HIS A 17 -8.19 11.80 -12.33
CA HIS A 17 -7.47 10.53 -12.33
C HIS A 17 -7.97 9.66 -13.48
N PRO A 18 -7.07 8.97 -14.19
CA PRO A 18 -7.49 8.07 -15.29
C PRO A 18 -8.55 7.07 -14.86
N LYS A 19 -8.21 6.22 -13.89
CA LYS A 19 -9.12 5.29 -13.24
C LYS A 19 -9.79 5.95 -12.03
N GLY A 20 -10.29 5.17 -11.09
CA GLY A 20 -11.12 5.72 -10.02
C GLY A 20 -10.43 6.61 -8.97
N VAL A 21 -11.23 6.98 -7.94
CA VAL A 21 -10.66 7.56 -6.72
C VAL A 21 -10.02 6.48 -5.86
N GLN A 22 -10.64 5.30 -5.81
CA GLN A 22 -9.97 4.13 -5.26
C GLN A 22 -8.56 4.06 -5.77
N GLU A 23 -8.42 4.18 -7.08
CA GLU A 23 -7.12 4.08 -7.73
C GLU A 23 -6.17 5.20 -7.29
N ALA A 24 -6.68 6.42 -7.16
CA ALA A 24 -5.85 7.51 -6.64
C ALA A 24 -5.24 7.16 -5.28
N TYR A 25 -6.07 6.75 -4.32
CA TYR A 25 -5.56 6.44 -2.99
C TYR A 25 -4.59 5.28 -3.03
N THR A 26 -4.86 4.26 -3.87
CA THR A 26 -3.96 3.13 -3.94
C THR A 26 -2.66 3.51 -4.63
N ASP A 27 -2.74 4.36 -5.65
CA ASP A 27 -1.56 4.88 -6.31
C ASP A 27 -0.61 5.50 -5.28
N ILE A 28 -1.12 6.45 -4.51
CA ILE A 28 -0.29 7.24 -3.61
C ILE A 28 0.48 6.34 -2.65
N GLY A 29 -0.21 5.39 -2.02
CA GLY A 29 0.47 4.50 -1.08
C GLY A 29 1.65 3.79 -1.70
N ALA A 30 1.53 3.43 -2.99
CA ALA A 30 2.61 2.76 -3.68
C ALA A 30 3.80 3.70 -3.93
N VAL A 31 3.55 4.95 -4.30
CA VAL A 31 4.64 5.91 -4.41
C VAL A 31 5.33 6.09 -3.06
N LEU A 32 4.54 6.42 -2.03
CA LEU A 32 5.06 6.51 -0.67
C LEU A 32 5.67 5.21 -0.16
N ALA A 33 5.30 4.05 -0.71
CA ALA A 33 6.05 2.85 -0.34
C ALA A 33 7.46 2.89 -0.89
N LYS A 34 7.70 3.60 -2.00
CA LYS A 34 9.05 3.57 -2.57
C LYS A 34 10.06 4.23 -1.65
N PHE A 35 9.59 5.03 -0.69
CA PHE A 35 10.46 5.83 0.15
C PHE A 35 10.19 5.56 1.64
N GLY A 36 9.72 4.36 1.98
CA GLY A 36 9.65 3.91 3.35
C GLY A 36 8.39 4.27 4.11
N PHE A 37 7.52 5.11 3.53
CA PHE A 37 6.33 5.59 4.24
C PHE A 37 5.21 4.55 4.14
N VAL A 38 4.87 3.94 5.31
CA VAL A 38 3.76 2.99 5.45
C VAL A 38 2.49 3.77 5.79
N ARG A 39 1.34 3.29 5.29
CA ARG A 39 0.05 3.87 5.65
C ARG A 39 -0.31 3.50 7.09
N THR A 40 -0.57 4.52 7.92
CA THR A 40 -0.91 4.37 9.33
C THR A 40 -2.26 4.97 9.67
N GLN A 41 -2.79 5.90 8.84
CA GLN A 41 -4.12 6.47 9.04
C GLN A 41 -4.89 6.67 7.74
N GLY A 42 -4.38 6.21 6.60
CA GLY A 42 -5.11 6.44 5.36
C GLY A 42 -4.91 7.82 4.77
N SER A 43 -4.88 8.79 5.68
CA SER A 43 -4.46 10.15 5.41
C SER A 43 -3.18 10.53 6.15
N LEU A 44 -2.52 9.58 6.82
CA LEU A 44 -1.24 9.82 7.49
C LEU A 44 -0.27 8.66 7.25
N TYR A 45 0.83 8.94 6.54
CA TYR A 45 1.88 7.95 6.26
C TYR A 45 3.16 8.30 7.03
N THR A 46 3.75 7.29 7.68
CA THR A 46 4.91 7.47 8.56
C THR A 46 6.12 6.71 8.03
N ASN A 47 7.33 7.19 8.36
CA ASN A 47 8.55 6.53 7.86
C ASN A 47 9.67 6.34 8.86
N MSE A 48 9.73 7.10 9.95
CA MSE A 48 10.72 6.74 10.99
C MSE A 48 12.17 7.03 10.57
O MSE A 48 13.06 7.10 11.39
CB MSE A 48 10.59 5.25 11.36
CG MSE A 48 11.21 4.85 12.64
SE MSE A 48 9.74 4.81 13.88
CE MSE A 48 8.73 3.29 13.15
N ASN A 49 12.37 7.31 9.29
CA ASN A 49 13.65 7.76 8.77
C ASN A 49 13.60 9.29 8.65
N GLU A 50 14.38 9.97 9.48
CA GLU A 50 14.34 11.42 9.53
C GLU A 50 15.22 12.08 8.46
N ASP A 51 15.77 11.30 7.53
CA ASP A 51 16.42 11.91 6.38
C ASP A 51 15.44 12.78 5.62
N MSE A 52 15.82 14.02 5.40
CA MSE A 52 14.97 14.96 4.70
C MSE A 52 15.04 14.68 3.21
O MSE A 52 14.04 14.85 2.51
CB MSE A 52 15.39 16.38 4.99
CG MSE A 52 15.01 16.80 6.38
SE MSE A 52 15.59 18.59 6.75
CE MSE A 52 14.02 19.55 6.14
N ALA A 53 16.20 14.27 2.70
CA ALA A 53 16.31 14.05 1.26
C ALA A 53 15.46 12.88 0.80
N ASN A 54 15.02 12.02 1.74
CA ASN A 54 14.03 11.01 1.40
C ASN A 54 12.66 11.63 1.16
N LEU A 55 12.12 12.32 2.19
CA LEU A 55 10.91 13.13 2.02
C LEU A 55 10.91 13.86 0.70
N PHE A 56 11.99 14.61 0.46
CA PHE A 56 12.11 15.44 -0.73
C PHE A 56 11.87 14.65 -2.00
N GLN A 57 12.60 13.55 -2.19
CA GLN A 57 12.38 12.71 -3.36
C GLN A 57 10.98 12.10 -3.36
N ALA A 58 10.47 11.72 -2.20
CA ALA A 58 9.12 11.20 -2.11
C ALA A 58 8.09 12.24 -2.56
N MSE A 59 8.23 13.49 -2.10
CA MSE A 59 7.36 14.58 -2.56
C MSE A 59 7.50 14.86 -4.04
O MSE A 59 6.50 15.07 -4.72
CB MSE A 59 7.68 15.87 -1.80
CG MSE A 59 7.29 15.86 -0.33
SE MSE A 59 5.36 15.72 0.07
CE MSE A 59 5.39 16.23 1.94
N ASN A 60 8.74 14.84 -4.52
CA ASN A 60 8.99 15.02 -5.95
C ASN A 60 8.41 13.85 -6.77
N ALA A 61 8.45 12.64 -6.22
CA ALA A 61 7.77 11.49 -6.83
C ALA A 61 6.27 11.69 -6.89
N LEU A 62 5.72 12.31 -5.87
CA LEU A 62 4.29 12.54 -5.80
C LEU A 62 3.86 13.60 -6.80
N LYS A 63 4.70 14.62 -7.03
CA LYS A 63 4.37 15.66 -7.99
C LYS A 63 4.49 15.16 -9.43
N GLN A 64 5.00 13.94 -9.62
CA GLN A 64 5.05 13.36 -10.96
C GLN A 64 3.69 12.89 -11.42
N LEU A 65 2.82 12.51 -10.49
CA LEU A 65 1.46 12.12 -10.84
C LEU A 65 0.73 13.34 -11.42
N ALA A 66 0.19 13.21 -12.65
CA ALA A 66 -0.36 14.36 -13.34
C ALA A 66 -1.64 14.86 -12.67
N TRP A 67 -2.39 13.97 -12.03
CA TRP A 67 -3.66 14.35 -11.43
C TRP A 67 -3.53 15.04 -10.06
N ILE A 68 -2.44 14.77 -9.30
CA ILE A 68 -2.26 15.37 -7.99
C ILE A 68 -2.46 16.88 -8.05
N SER A 69 -1.81 17.54 -9.01
CA SER A 69 -1.85 18.99 -9.04
C SER A 69 -3.28 19.52 -9.13
N GLN A 70 -4.19 18.73 -9.71
CA GLN A 70 -5.57 19.15 -9.91
C GLN A 70 -6.55 18.56 -8.91
N SER A 71 -6.10 17.66 -8.04
CA SER A 71 -7.04 16.91 -7.23
C SER A 71 -6.75 16.84 -5.73
N VAL A 72 -5.61 17.35 -5.24
CA VAL A 72 -5.29 17.26 -3.82
C VAL A 72 -5.97 18.39 -3.08
N ARG A 73 -6.58 18.10 -1.93
CA ARG A 73 -7.13 19.19 -1.12
C ARG A 73 -6.06 19.86 -0.27
N ASP A 74 -5.13 19.07 0.25
CA ASP A 74 -4.12 19.55 1.18
C ASP A 74 -3.15 18.42 1.43
N ILE A 75 -1.88 18.78 1.69
CA ILE A 75 -0.81 17.80 1.95
C ILE A 75 0.27 18.45 2.80
N ARG A 76 0.68 17.74 3.86
CA ARG A 76 1.53 18.26 4.91
C ARG A 76 2.58 17.21 5.27
N ALA A 77 3.75 17.69 5.65
CA ALA A 77 4.73 16.88 6.34
C ALA A 77 4.92 17.45 7.73
N PHE A 78 5.21 16.55 8.67
CA PHE A 78 5.66 16.96 9.99
C PHE A 78 6.55 15.91 10.61
N ARG A 79 7.33 16.37 11.57
CA ARG A 79 8.29 15.57 12.28
C ARG A 79 7.68 15.21 13.62
N ILE A 80 7.51 13.91 13.86
CA ILE A 80 6.72 13.39 14.97
C ILE A 80 7.68 12.76 15.96
N GLU A 81 7.59 13.19 17.22
CA GLU A 81 8.27 12.54 18.34
C GLU A 81 7.25 11.98 19.32
N GLN A 82 7.73 11.16 20.25
CA GLN A 82 6.91 10.63 21.34
C GLN A 82 5.65 9.98 20.80
N TRP A 83 5.83 9.13 19.78
CA TRP A 83 4.74 8.29 19.28
C TRP A 83 4.27 7.36 20.39
N SER A 84 2.94 7.23 20.52
CA SER A 84 2.35 6.65 21.72
C SER A 84 1.01 6.03 21.35
N ASP A 85 0.86 4.73 21.58
CA ASP A 85 -0.36 3.99 21.30
C ASP A 85 -1.12 3.80 22.59
N PHE A 86 -2.45 3.96 22.53
CA PHE A 86 -3.29 3.77 23.72
C PHE A 86 -4.20 2.55 23.56
N THR A 87 -4.10 1.67 24.57
CA THR A 87 -4.81 0.41 24.64
C THR A 87 -5.31 0.17 26.06
N ASP A 88 -5.45 1.22 26.89
CA ASP A 88 -6.21 1.10 28.14
C ASP A 88 -7.69 1.29 27.77
N PHE A 89 -8.20 0.31 27.03
CA PHE A 89 -9.63 0.23 26.68
C PHE A 89 -10.06 -1.23 26.85
N ILE A 90 -10.49 -1.54 28.09
CA ILE A 90 -10.85 -2.89 28.55
C ILE A 90 -12.34 -2.97 28.87
N MSE B 1 3.23 21.24 20.24
CA MSE B 1 1.93 20.76 19.76
C MSE B 1 1.80 19.25 19.85
O MSE B 1 2.61 18.53 19.27
CB MSE B 1 1.73 21.23 18.34
CG MSE B 1 0.88 20.36 17.52
SE MSE B 1 0.23 21.32 15.95
CE MSE B 1 -0.30 19.78 14.91
N TYR B 2 0.79 18.77 20.59
CA TYR B 2 0.46 17.35 20.62
C TYR B 2 -0.73 17.06 19.69
N ALA B 3 -0.73 15.85 19.12
CA ALA B 3 -1.81 15.39 18.25
C ALA B 3 -2.34 14.03 18.74
N ILE B 4 -3.65 13.85 18.58
CA ILE B 4 -4.32 12.58 18.80
C ILE B 4 -4.93 12.14 17.47
N ALA B 5 -4.67 10.88 17.08
CA ALA B 5 -5.29 10.25 15.92
C ALA B 5 -6.03 8.99 16.35
N PHE B 6 -7.17 8.72 15.71
CA PHE B 6 -7.91 7.52 16.12
C PHE B 6 -8.81 6.99 15.01
N ASP B 7 -9.01 5.66 15.04
CA ASP B 7 -9.82 4.88 14.13
C ASP B 7 -10.83 4.08 14.94
N LEU B 8 -12.01 3.84 14.38
CA LEU B 8 -13.06 3.05 15.02
C LEU B 8 -13.46 1.88 14.13
N VAL B 9 -13.62 0.69 14.72
CA VAL B 9 -14.23 -0.41 13.96
C VAL B 9 -15.68 -0.06 13.67
N VAL B 10 -16.08 -0.11 12.40
CA VAL B 10 -17.37 0.48 12.08
C VAL B 10 -18.52 -0.45 12.44
N LYS B 11 -18.39 -1.76 12.21
CA LYS B 11 -19.46 -2.67 12.62
C LYS B 11 -19.65 -2.60 14.13
N ASP B 12 -18.56 -2.70 14.88
CA ASP B 12 -18.64 -2.69 16.33
C ASP B 12 -19.24 -1.38 16.85
N THR B 13 -18.85 -0.25 16.27
CA THR B 13 -19.40 1.01 16.74
C THR B 13 -20.90 1.09 16.47
N GLN B 14 -21.36 0.54 15.35
CA GLN B 14 -22.80 0.62 15.08
C GLN B 14 -23.58 -0.16 16.13
N ASP B 15 -23.06 -1.32 16.53
CA ASP B 15 -23.68 -2.08 17.61
C ASP B 15 -23.77 -1.25 18.89
N TYR B 16 -22.62 -0.87 19.44
CA TYR B 16 -22.49 -0.37 20.80
C TYR B 16 -22.74 1.11 20.96
N HIS B 17 -22.47 1.93 19.98
CA HIS B 17 -22.85 3.33 20.19
C HIS B 17 -24.36 3.47 20.08
N PRO B 18 -25.00 4.18 21.00
CA PRO B 18 -26.47 4.28 20.98
C PRO B 18 -27.04 4.96 19.75
N LYS B 19 -26.30 5.85 19.10
CA LYS B 19 -26.80 6.46 17.87
C LYS B 19 -26.17 5.84 16.63
N GLY B 20 -24.85 5.93 16.49
CA GLY B 20 -24.24 5.47 15.27
C GLY B 20 -22.80 5.91 15.19
N VAL B 21 -22.18 5.60 14.05
CA VAL B 21 -20.75 5.80 13.90
C VAL B 21 -20.43 7.26 13.70
N GLN B 22 -21.30 7.99 13.02
CA GLN B 22 -20.95 9.36 12.76
C GLN B 22 -21.06 10.20 14.01
N GLU B 23 -21.91 9.78 14.97
CA GLU B 23 -21.99 10.42 16.28
C GLU B 23 -20.87 9.97 17.22
N ALA B 24 -20.47 8.69 17.13
CA ALA B 24 -19.31 8.18 17.85
C ALA B 24 -18.06 8.96 17.51
N TYR B 25 -17.91 9.32 16.24
CA TYR B 25 -16.84 10.25 15.90
C TYR B 25 -17.06 11.60 16.56
N THR B 26 -18.26 12.17 16.40
CA THR B 26 -18.51 13.48 16.99
C THR B 26 -18.41 13.45 18.52
N ASP B 27 -18.90 12.38 19.14
CA ASP B 27 -18.92 12.34 20.60
C ASP B 27 -17.50 12.24 21.18
N ILE B 28 -16.62 11.46 20.55
CA ILE B 28 -15.20 11.44 20.95
C ILE B 28 -14.59 12.83 20.82
N GLY B 29 -14.93 13.55 19.74
CA GLY B 29 -14.37 14.87 19.53
C GLY B 29 -14.81 15.86 20.59
N ALA B 30 -16.08 15.73 21.02
CA ALA B 30 -16.60 16.51 22.14
C ALA B 30 -15.73 16.43 23.38
N VAL B 31 -15.34 15.21 23.76
CA VAL B 31 -14.46 15.02 24.92
C VAL B 31 -13.14 15.73 24.69
N LEU B 32 -12.41 15.30 23.64
CA LEU B 32 -11.13 15.91 23.33
C LEU B 32 -11.20 17.44 23.35
N ALA B 33 -12.31 18.02 22.85
CA ALA B 33 -12.44 19.48 22.89
C ALA B 33 -12.49 20.00 24.31
N LYS B 34 -12.92 19.19 25.26
CA LYS B 34 -12.92 19.64 26.64
C LYS B 34 -11.51 19.85 27.19
N PHE B 35 -10.49 19.33 26.49
CA PHE B 35 -9.08 19.41 26.90
C PHE B 35 -8.28 20.13 25.83
N GLY B 36 -8.94 21.04 25.12
CA GLY B 36 -8.30 21.87 24.13
C GLY B 36 -7.80 21.18 22.89
N PHE B 37 -7.99 19.87 22.75
CA PHE B 37 -7.63 19.17 21.53
C PHE B 37 -8.70 19.37 20.48
N VAL B 38 -8.33 19.92 19.34
CA VAL B 38 -9.32 20.33 18.35
C VAL B 38 -8.81 19.94 16.96
N ARG B 39 -9.72 19.47 16.10
CA ARG B 39 -9.36 19.09 14.75
C ARG B 39 -9.44 20.30 13.84
N THR B 40 -8.36 20.59 13.15
CA THR B 40 -8.32 21.74 12.24
C THR B 40 -7.93 21.33 10.84
N GLN B 41 -6.91 20.49 10.70
CA GLN B 41 -6.68 19.70 9.50
C GLN B 41 -7.34 18.36 9.75
N GLY B 42 -8.11 17.87 8.79
CA GLY B 42 -8.83 16.63 8.94
C GLY B 42 -8.09 15.45 9.55
N SER B 43 -8.74 14.73 10.44
CA SER B 43 -8.35 13.48 11.07
C SER B 43 -7.35 13.65 12.21
N LEU B 44 -6.73 14.80 12.41
CA LEU B 44 -5.82 14.94 13.53
C LEU B 44 -6.40 16.00 14.44
N TYR B 45 -6.46 15.68 15.73
CA TYR B 45 -6.94 16.54 16.80
C TYR B 45 -5.72 17.05 17.53
N THR B 46 -5.48 18.36 17.45
CA THR B 46 -4.24 18.96 17.96
C THR B 46 -4.51 19.93 19.11
N ASN B 47 -3.53 20.06 20.03
CA ASN B 47 -3.78 21.01 21.10
C ASN B 47 -2.77 22.15 21.19
N MSE B 48 -1.48 21.86 21.09
CA MSE B 48 -0.44 22.89 21.13
C MSE B 48 -0.12 23.37 22.54
O MSE B 48 0.81 24.14 22.75
CB MSE B 48 -0.81 24.09 20.23
CG MSE B 48 0.38 24.72 19.62
SE MSE B 48 -0.12 26.04 18.36
CE MSE B 48 1.68 26.44 17.68
N ASN B 49 -0.83 22.86 23.51
CA ASN B 49 -0.42 22.96 24.91
C ASN B 49 0.18 21.59 25.23
N GLU B 50 1.52 21.49 25.23
CA GLU B 50 2.14 20.17 25.33
C GLU B 50 2.28 19.67 26.76
N ASP B 51 1.23 19.80 27.56
CA ASP B 51 1.22 19.32 28.94
C ASP B 51 0.81 17.84 28.96
N MSE B 52 1.73 16.98 29.33
CA MSE B 52 1.47 15.56 29.22
C MSE B 52 0.35 15.23 30.18
O MSE B 52 -0.46 14.32 29.95
CB MSE B 52 2.73 14.74 29.51
CG MSE B 52 3.95 15.31 28.82
SE MSE B 52 5.60 14.31 29.02
CE MSE B 52 4.90 12.54 28.62
N ALA B 53 0.29 15.98 31.29
CA ALA B 53 -0.75 15.73 32.27
C ALA B 53 -2.13 16.01 31.69
N ASN B 54 -2.24 17.04 30.85
CA ASN B 54 -3.52 17.33 30.18
C ASN B 54 -3.88 16.23 29.19
N LEU B 55 -2.91 15.77 28.42
CA LEU B 55 -3.20 14.67 27.51
C LEU B 55 -3.72 13.48 28.27
N PHE B 56 -3.17 13.21 29.47
CA PHE B 56 -3.59 12.01 30.18
C PHE B 56 -4.99 12.18 30.74
N GLN B 57 -5.28 13.36 31.27
CA GLN B 57 -6.64 13.64 31.70
C GLN B 57 -7.65 13.42 30.59
N ALA B 58 -7.27 13.67 29.34
CA ALA B 58 -8.21 13.42 28.25
C ALA B 58 -8.36 11.93 27.97
N MSE B 59 -7.26 11.20 27.91
CA MSE B 59 -7.43 9.77 27.74
C MSE B 59 -8.26 9.24 28.90
O MSE B 59 -9.12 8.39 28.70
CB MSE B 59 -6.11 9.02 27.66
CG MSE B 59 -5.13 9.47 26.60
SE MSE B 59 -5.80 9.47 24.75
CE MSE B 59 -6.20 7.60 24.67
N ASN B 60 -8.02 9.77 30.09
CA ASN B 60 -8.84 9.36 31.22
C ASN B 60 -10.31 9.67 30.95
N ALA B 61 -10.61 10.90 30.56
CA ALA B 61 -11.98 11.26 30.21
C ALA B 61 -12.56 10.35 29.13
N LEU B 62 -11.70 9.83 28.26
CA LEU B 62 -12.21 9.14 27.09
C LEU B 62 -12.76 7.77 27.47
N LYS B 63 -12.07 7.05 28.37
CA LYS B 63 -12.55 5.77 28.89
C LYS B 63 -13.88 5.93 29.64
N GLN B 64 -14.24 7.15 30.02
CA GLN B 64 -15.56 7.35 30.61
C GLN B 64 -16.70 7.10 29.62
N LEU B 65 -16.39 6.72 28.38
CA LEU B 65 -17.41 6.47 27.38
C LEU B 65 -17.75 4.99 27.37
N ALA B 66 -19.05 4.69 27.46
CA ALA B 66 -19.47 3.29 27.61
C ALA B 66 -19.01 2.45 26.44
N TRP B 67 -19.29 2.93 25.24
CA TRP B 67 -19.10 2.19 24.00
C TRP B 67 -17.69 2.26 23.45
N ILE B 68 -16.84 3.15 23.98
CA ILE B 68 -15.53 3.38 23.38
C ILE B 68 -14.72 2.09 23.39
N SER B 69 -14.78 1.33 24.49
CA SER B 69 -13.86 0.22 24.65
C SER B 69 -14.11 -0.85 23.60
N GLN B 70 -15.37 -1.13 23.30
CA GLN B 70 -15.67 -2.20 22.38
C GLN B 70 -15.75 -1.73 20.93
N SER B 71 -15.61 -0.43 20.68
CA SER B 71 -15.80 0.11 19.35
C SER B 71 -14.61 0.94 18.84
N VAL B 72 -13.41 0.80 19.41
CA VAL B 72 -12.25 1.60 18.98
C VAL B 72 -11.25 0.66 18.32
N ARG B 73 -10.79 1.05 17.14
CA ARG B 73 -9.78 0.29 16.43
C ARG B 73 -8.38 0.67 16.88
N ASP B 74 -8.10 1.97 16.88
CA ASP B 74 -6.80 2.53 17.21
C ASP B 74 -6.98 3.92 17.80
N ILE B 75 -6.08 4.29 18.71
CA ILE B 75 -5.95 5.67 19.13
C ILE B 75 -4.50 5.91 19.48
N ARG B 76 -3.96 7.03 19.01
CA ARG B 76 -2.56 7.34 19.25
C ARG B 76 -2.41 8.82 19.46
N ALA B 77 -1.52 9.15 20.38
CA ALA B 77 -1.09 10.50 20.66
C ALA B 77 0.39 10.60 20.31
N PHE B 78 0.83 11.81 19.97
CA PHE B 78 2.23 12.02 19.61
C PHE B 78 2.50 13.51 19.56
N ARG B 79 3.77 13.87 19.36
CA ARG B 79 4.15 15.28 19.31
C ARG B 79 4.50 15.66 17.87
N ILE B 80 3.95 16.78 17.42
CA ILE B 80 4.32 17.38 16.15
C ILE B 80 5.30 18.50 16.46
N GLU B 81 6.60 18.13 16.44
CA GLU B 81 7.72 19.01 16.76
C GLU B 81 7.91 20.14 15.74
N GLN B 82 7.48 19.93 14.51
CA GLN B 82 7.59 20.87 13.40
C GLN B 82 6.85 20.26 12.21
N TRP B 83 6.26 21.11 11.39
CA TRP B 83 5.44 20.70 10.25
C TRP B 83 5.63 21.71 9.14
N SER B 84 5.32 21.31 7.90
CA SER B 84 5.33 22.27 6.80
C SER B 84 4.30 21.87 5.75
N ASP B 85 3.75 22.86 5.05
CA ASP B 85 2.62 22.67 4.16
C ASP B 85 3.11 22.57 2.72
N PHE B 86 2.37 21.85 1.87
CA PHE B 86 2.78 21.65 0.48
C PHE B 86 1.70 22.13 -0.50
N THR B 87 2.01 23.24 -1.19
CA THR B 87 1.25 23.77 -2.31
C THR B 87 2.16 23.92 -3.51
N ASP B 88 3.29 23.22 -3.49
CA ASP B 88 4.15 23.12 -4.65
C ASP B 88 3.62 22.13 -5.71
N PHE B 89 2.55 21.38 -5.41
CA PHE B 89 1.90 20.53 -6.40
C PHE B 89 1.01 21.34 -7.34
N ILE B 90 0.15 22.18 -6.77
CA ILE B 90 -0.58 23.16 -7.56
C ILE B 90 0.39 23.92 -8.49
N ARG B 91 1.68 23.98 -8.12
CA ARG B 91 2.80 24.27 -9.04
C ARG B 91 2.59 25.52 -9.89
N MSE C 1 15.32 -5.32 12.45
CA MSE C 1 14.31 -5.12 11.40
C MSE C 1 13.75 -6.44 10.86
O MSE C 1 14.51 -7.36 10.59
CB MSE C 1 14.92 -4.28 10.29
CG MSE C 1 14.41 -4.58 8.91
SE MSE C 1 15.10 -3.29 7.60
CE MSE C 1 14.82 -4.31 5.98
N TYR C 2 12.41 -6.53 10.76
CA TYR C 2 11.73 -7.69 10.23
C TYR C 2 11.27 -7.49 8.79
N ALA C 3 11.50 -8.51 7.97
CA ALA C 3 10.93 -8.56 6.64
C ALA C 3 10.01 -9.76 6.53
N ILE C 4 8.93 -9.57 5.77
CA ILE C 4 8.03 -10.62 5.35
C ILE C 4 8.18 -10.72 3.84
N ALA C 5 8.61 -11.88 3.38
CA ALA C 5 8.68 -12.15 1.95
C ALA C 5 7.62 -13.18 1.63
N PHE C 6 7.07 -13.12 0.41
CA PHE C 6 6.03 -14.07 0.05
C PHE C 6 5.83 -14.07 -1.45
N ASP C 7 5.46 -15.22 -1.99
CA ASP C 7 5.10 -15.35 -3.40
C ASP C 7 3.74 -16.01 -3.52
N LEU C 8 3.07 -15.73 -4.65
CA LEU C 8 1.74 -16.22 -4.93
C LEU C 8 1.76 -17.12 -6.15
N VAL C 9 0.81 -18.05 -6.20
CA VAL C 9 0.49 -18.77 -7.42
C VAL C 9 -0.58 -17.98 -8.14
N VAL C 10 -0.31 -17.62 -9.40
CA VAL C 10 -1.25 -16.75 -10.10
C VAL C 10 -2.49 -17.52 -10.55
N LYS C 11 -2.30 -18.73 -11.07
CA LYS C 11 -3.45 -19.50 -11.54
C LYS C 11 -4.44 -19.75 -10.41
N ASP C 12 -3.95 -19.97 -9.20
CA ASP C 12 -4.83 -20.24 -8.07
C ASP C 12 -5.44 -18.96 -7.52
N THR C 13 -4.64 -17.90 -7.38
CA THR C 13 -5.15 -16.64 -6.88
C THR C 13 -6.21 -16.07 -7.79
N GLN C 14 -6.08 -16.24 -9.10
CA GLN C 14 -7.12 -15.75 -10.00
C GLN C 14 -8.42 -16.49 -9.75
N ASP C 15 -8.33 -17.74 -9.28
CA ASP C 15 -9.53 -18.54 -9.04
C ASP C 15 -10.15 -18.21 -7.69
N TYR C 16 -9.34 -18.08 -6.64
CA TYR C 16 -9.85 -17.94 -5.28
C TYR C 16 -10.12 -16.50 -4.87
N HIS C 17 -9.33 -15.54 -5.33
CA HIS C 17 -9.58 -14.17 -4.93
C HIS C 17 -10.83 -13.66 -5.65
N PRO C 18 -11.71 -12.94 -4.95
CA PRO C 18 -12.97 -12.52 -5.60
C PRO C 18 -12.80 -11.52 -6.73
N LYS C 19 -11.95 -10.50 -6.57
CA LYS C 19 -11.90 -9.44 -7.57
C LYS C 19 -10.81 -9.62 -8.64
N GLY C 20 -9.57 -9.85 -8.24
CA GLY C 20 -8.53 -9.93 -9.23
C GLY C 20 -7.31 -10.61 -8.67
N VAL C 21 -6.25 -10.68 -9.49
CA VAL C 21 -4.92 -10.95 -8.96
C VAL C 21 -4.26 -9.65 -8.53
N GLN C 22 -4.24 -8.68 -9.43
CA GLN C 22 -3.84 -7.32 -9.08
C GLN C 22 -4.49 -6.89 -7.78
N GLU C 23 -5.79 -7.14 -7.63
CA GLU C 23 -6.46 -6.75 -6.40
C GLU C 23 -5.93 -7.53 -5.21
N ALA C 24 -5.53 -8.79 -5.42
CA ALA C 24 -5.03 -9.62 -4.32
C ALA C 24 -3.67 -9.14 -3.84
N TYR C 25 -2.85 -8.61 -4.74
CA TYR C 25 -1.58 -8.08 -4.28
C TYR C 25 -1.81 -6.82 -3.47
N THR C 26 -2.74 -5.97 -3.91
CA THR C 26 -3.01 -4.75 -3.17
C THR C 26 -3.56 -5.08 -1.78
N ASP C 27 -4.43 -6.11 -1.72
CA ASP C 27 -5.04 -6.50 -0.44
C ASP C 27 -4.00 -6.79 0.61
N ILE C 28 -2.95 -7.51 0.25
CA ILE C 28 -1.93 -7.84 1.23
C ILE C 28 -1.15 -6.61 1.63
N GLY C 29 -0.83 -5.73 0.68
CA GLY C 29 -0.16 -4.50 1.03
C GLY C 29 -0.92 -3.70 2.08
N ALA C 30 -2.24 -3.57 1.88
CA ALA C 30 -3.10 -2.91 2.85
C ALA C 30 -3.08 -3.58 4.22
N VAL C 31 -2.91 -4.90 4.27
CA VAL C 31 -3.00 -5.58 5.54
C VAL C 31 -1.68 -5.48 6.29
N LEU C 32 -0.56 -5.68 5.60
CA LEU C 32 0.73 -5.52 6.26
C LEU C 32 1.01 -4.06 6.65
N ALA C 33 0.30 -3.08 6.07
CA ALA C 33 0.51 -1.71 6.52
C ALA C 33 -0.04 -1.49 7.93
N LYS C 34 -1.13 -2.18 8.30
CA LYS C 34 -1.73 -2.07 9.62
C LYS C 34 -0.75 -2.43 10.72
N PHE C 35 0.36 -3.07 10.36
CA PHE C 35 1.39 -3.47 11.31
C PHE C 35 2.73 -2.85 10.93
N GLY C 36 2.70 -1.84 10.07
CA GLY C 36 3.89 -1.06 9.80
C GLY C 36 4.85 -1.67 8.82
N PHE C 37 4.45 -2.72 8.13
CA PHE C 37 5.27 -3.32 7.10
C PHE C 37 4.97 -2.62 5.77
N VAL C 38 6.03 -2.28 5.04
CA VAL C 38 5.96 -1.41 3.88
C VAL C 38 6.73 -2.08 2.75
N ARG C 39 6.16 -2.05 1.55
CA ARG C 39 6.68 -2.84 0.43
C ARG C 39 8.00 -2.25 -0.07
N THR C 40 9.01 -3.11 -0.25
CA THR C 40 10.28 -2.68 -0.84
C THR C 40 10.82 -3.60 -1.94
N GLN C 41 10.17 -4.74 -2.25
CA GLN C 41 10.40 -5.42 -3.53
C GLN C 41 9.15 -6.13 -4.06
N GLY C 42 7.95 -5.72 -3.67
CA GLY C 42 6.78 -6.35 -4.27
C GLY C 42 6.49 -7.73 -3.71
N SER C 43 7.55 -8.35 -3.19
CA SER C 43 7.48 -9.64 -2.51
C SER C 43 8.22 -9.58 -1.18
N LEU C 44 8.38 -8.37 -0.63
CA LEU C 44 9.27 -8.17 0.52
C LEU C 44 8.80 -6.93 1.29
N TYR C 45 8.22 -7.15 2.45
CA TYR C 45 7.76 -6.05 3.29
C TYR C 45 8.67 -5.93 4.49
N THR C 46 9.05 -4.70 4.81
CA THR C 46 9.97 -4.42 5.91
C THR C 46 9.34 -3.48 6.92
N ASN C 47 9.69 -3.70 8.18
CA ASN C 47 9.24 -2.92 9.33
C ASN C 47 10.35 -3.01 10.35
N MSE C 48 10.64 -1.90 11.01
CA MSE C 48 11.83 -1.93 11.84
C MSE C 48 11.51 -2.42 13.23
O MSE C 48 12.40 -2.83 13.96
CB MSE C 48 12.50 -0.57 11.83
CG MSE C 48 12.90 -0.26 10.43
SE MSE C 48 14.62 0.54 10.30
CE MSE C 48 15.70 -0.92 11.01
N ASN C 49 10.23 -2.40 13.56
CA ASN C 49 9.79 -2.84 14.87
C ASN C 49 10.03 -4.33 14.99
N GLU C 50 10.85 -4.72 15.96
CA GLU C 50 11.21 -6.11 16.12
C GLU C 50 10.34 -6.82 17.16
N ASP C 51 9.24 -6.19 17.57
CA ASP C 51 8.21 -6.89 18.32
C ASP C 51 7.74 -8.09 17.52
N MSE C 52 8.00 -9.27 18.06
CA MSE C 52 7.58 -10.50 17.42
C MSE C 52 6.07 -10.58 17.47
O MSE C 52 5.44 -11.06 16.54
CB MSE C 52 8.20 -11.68 18.14
CG MSE C 52 9.67 -11.81 17.84
SE MSE C 52 10.44 -13.45 18.52
CE MSE C 52 9.54 -14.74 17.33
N ALA C 53 5.51 -10.09 18.58
CA ALA C 53 4.06 -9.96 18.69
C ALA C 53 3.45 -9.22 17.50
N ASN C 54 4.04 -8.06 17.12
CA ASN C 54 3.61 -7.38 15.90
C ASN C 54 3.68 -8.32 14.71
N LEU C 55 4.79 -9.06 14.59
CA LEU C 55 4.98 -9.96 13.45
C LEU C 55 3.94 -11.07 13.43
N PHE C 56 3.77 -11.71 14.60
CA PHE C 56 2.75 -12.75 14.77
C PHE C 56 1.38 -12.23 14.41
N GLN C 57 0.96 -11.15 15.05
CA GLN C 57 -0.39 -10.68 14.82
C GLN C 57 -0.60 -10.28 13.36
N ALA C 58 0.46 -9.92 12.64
CA ALA C 58 0.28 -9.61 11.23
C ALA C 58 0.04 -10.87 10.40
N MSE C 59 0.75 -11.97 10.71
CA MSE C 59 0.46 -13.23 10.00
C MSE C 59 -0.95 -13.66 10.26
O MSE C 59 -1.66 -14.08 9.34
CB MSE C 59 1.41 -14.36 10.40
CG MSE C 59 2.88 -14.14 10.18
SE MSE C 59 3.29 -14.05 8.25
CE MSE C 59 2.49 -15.73 7.75
N ASN C 60 -1.35 -13.56 11.52
CA ASN C 60 -2.70 -13.93 11.91
C ASN C 60 -3.72 -13.16 11.10
N ALA C 61 -3.47 -11.86 10.89
CA ALA C 61 -4.37 -11.03 10.12
C ALA C 61 -4.36 -11.40 8.65
N LEU C 62 -3.22 -11.86 8.14
CA LEU C 62 -3.14 -12.36 6.77
C LEU C 62 -3.90 -13.67 6.62
N LYS C 63 -3.88 -14.52 7.66
CA LYS C 63 -4.55 -15.82 7.57
C LYS C 63 -6.08 -15.66 7.50
N GLN C 64 -6.61 -14.57 8.05
CA GLN C 64 -8.04 -14.33 7.97
C GLN C 64 -8.52 -14.04 6.55
N LEU C 65 -7.61 -13.78 5.62
CA LEU C 65 -7.97 -13.69 4.21
C LEU C 65 -8.38 -15.07 3.69
N ALA C 66 -9.62 -15.20 3.21
CA ALA C 66 -10.14 -16.49 2.77
C ALA C 66 -9.22 -17.13 1.74
N TRP C 67 -8.83 -16.36 0.72
CA TRP C 67 -8.09 -16.88 -0.41
C TRP C 67 -6.62 -17.17 -0.12
N ILE C 68 -6.05 -16.57 0.94
CA ILE C 68 -4.64 -16.77 1.24
C ILE C 68 -4.31 -18.25 1.34
N SER C 69 -5.05 -18.99 2.17
CA SER C 69 -4.67 -20.37 2.47
C SER C 69 -4.49 -21.18 1.20
N GLN C 70 -5.27 -20.88 0.17
CA GLN C 70 -5.29 -21.67 -1.05
C GLN C 70 -4.36 -21.13 -2.14
N SER C 71 -4.09 -19.82 -2.17
CA SER C 71 -3.45 -19.19 -3.32
C SER C 71 -2.01 -18.75 -3.09
N VAL C 72 -1.46 -18.89 -1.88
CA VAL C 72 -0.08 -18.48 -1.61
C VAL C 72 0.87 -19.64 -1.93
N ARG C 73 1.95 -19.32 -2.62
CA ARG C 73 2.94 -20.34 -2.96
C ARG C 73 3.95 -20.55 -1.84
N ASP C 74 4.26 -19.48 -1.09
CA ASP C 74 5.29 -19.49 -0.07
C ASP C 74 5.18 -18.21 0.75
N ILE C 75 5.44 -18.28 2.05
CA ILE C 75 5.57 -17.06 2.84
C ILE C 75 6.55 -17.29 3.98
N ARG C 76 7.54 -16.43 4.06
CA ARG C 76 8.57 -16.51 5.09
C ARG C 76 8.78 -15.14 5.70
N ALA C 77 9.34 -15.13 6.91
CA ALA C 77 9.70 -13.90 7.58
C ALA C 77 11.09 -14.07 8.18
N PHE C 78 11.94 -13.05 8.01
CA PHE C 78 13.28 -13.12 8.54
C PHE C 78 13.69 -11.79 9.15
N ARG C 79 14.75 -11.85 9.96
CA ARG C 79 15.29 -10.69 10.67
C ARG C 79 16.46 -10.12 9.89
N ILE C 80 16.25 -9.00 9.23
CA ILE C 80 17.27 -8.37 8.41
C ILE C 80 18.08 -7.41 9.27
N GLU C 81 19.40 -7.41 9.09
CA GLU C 81 20.25 -6.63 9.97
C GLU C 81 20.97 -5.47 9.27
N GLN C 82 21.76 -5.72 8.24
CA GLN C 82 22.65 -4.69 7.71
C GLN C 82 22.14 -4.16 6.39
N TRP C 83 21.08 -3.36 6.44
CA TRP C 83 20.44 -2.90 5.22
C TRP C 83 21.35 -1.90 4.51
N SER C 84 21.74 -2.22 3.27
CA SER C 84 22.71 -1.45 2.49
C SER C 84 22.18 -1.25 1.08
N ASP C 85 22.22 -0.01 0.59
CA ASP C 85 21.68 0.35 -0.70
C ASP C 85 22.84 0.58 -1.66
N PHE C 86 22.65 0.33 -2.95
CA PHE C 86 23.74 0.46 -3.90
C PHE C 86 23.34 1.32 -5.11
N THR C 87 24.15 2.34 -5.37
CA THR C 87 24.17 3.17 -6.57
C THR C 87 25.63 3.33 -7.00
N ASP C 88 26.34 2.20 -7.08
CA ASP C 88 27.76 2.09 -7.35
C ASP C 88 28.10 2.30 -8.84
N PHE C 89 27.22 2.99 -9.57
CA PHE C 89 27.22 3.02 -11.03
C PHE C 89 27.44 4.45 -11.55
N ILE C 90 28.72 4.79 -11.73
CA ILE C 90 29.20 6.15 -11.99
C ILE C 90 28.64 7.09 -10.94
N MSE D 1 23.95 -15.20 6.91
CA MSE D 1 23.62 -15.30 5.50
C MSE D 1 23.44 -13.91 4.86
O MSE D 1 22.81 -13.05 5.46
CB MSE D 1 22.34 -16.12 5.35
CG MSE D 1 21.89 -16.33 3.93
SE MSE D 1 20.02 -16.83 3.80
CE MSE D 1 20.07 -18.45 4.91
N TYR D 2 23.98 -13.69 3.65
CA TYR D 2 23.84 -12.40 2.96
C TYR D 2 22.88 -12.52 1.78
N ALA D 3 22.15 -11.45 1.52
CA ALA D 3 21.19 -11.45 0.43
C ALA D 3 21.33 -10.18 -0.38
N ILE D 4 20.86 -10.25 -1.62
CA ILE D 4 20.83 -9.15 -2.57
C ILE D 4 19.46 -9.15 -3.24
N ALA D 5 18.87 -7.96 -3.35
CA ALA D 5 17.62 -7.80 -4.09
C ALA D 5 17.85 -6.72 -5.14
N PHE D 6 17.22 -6.87 -6.30
CA PHE D 6 17.41 -5.83 -7.31
C PHE D 6 16.18 -5.76 -8.20
N ASP D 7 16.00 -4.58 -8.77
CA ASP D 7 14.92 -4.25 -9.68
C ASP D 7 15.54 -3.50 -10.86
N LEU D 8 15.01 -3.75 -12.06
CA LEU D 8 15.53 -3.14 -13.28
C LEU D 8 14.45 -2.28 -13.94
N VAL D 9 14.86 -1.12 -14.43
CA VAL D 9 13.97 -0.24 -15.19
C VAL D 9 13.68 -0.89 -16.53
N VAL D 10 12.40 -1.18 -16.81
CA VAL D 10 12.08 -1.97 -17.99
C VAL D 10 12.37 -1.17 -19.27
N LYS D 11 11.86 0.06 -19.36
CA LYS D 11 12.06 0.85 -20.58
C LYS D 11 13.54 1.12 -20.82
N ASP D 12 14.31 1.39 -19.75
CA ASP D 12 15.74 1.59 -19.90
C ASP D 12 16.47 0.27 -20.19
N THR D 13 16.09 -0.81 -19.52
CA THR D 13 16.77 -2.07 -19.78
C THR D 13 16.48 -2.57 -21.18
N GLN D 14 15.23 -2.45 -21.64
CA GLN D 14 14.93 -2.78 -23.02
C GLN D 14 15.73 -1.89 -23.98
N ASP D 15 16.02 -0.66 -23.57
CA ASP D 15 16.89 0.20 -24.37
C ASP D 15 18.34 -0.28 -24.31
N TYR D 16 18.94 -0.25 -23.12
CA TYR D 16 20.40 -0.33 -23.01
C TYR D 16 20.95 -1.74 -22.91
N HIS D 17 20.16 -2.72 -22.48
CA HIS D 17 20.60 -4.11 -22.62
C HIS D 17 20.40 -4.52 -24.06
N PRO D 18 21.41 -5.06 -24.73
CA PRO D 18 21.22 -5.48 -26.13
C PRO D 18 20.09 -6.49 -26.32
N LYS D 19 20.09 -7.59 -25.58
CA LYS D 19 19.09 -8.62 -25.78
C LYS D 19 17.83 -8.23 -24.99
N GLY D 20 16.90 -9.15 -24.81
CA GLY D 20 15.66 -8.84 -24.11
C GLY D 20 15.86 -8.43 -22.64
N VAL D 21 14.79 -7.88 -22.05
CA VAL D 21 14.84 -7.52 -20.63
C VAL D 21 14.94 -8.75 -19.76
N GLN D 22 14.18 -9.81 -20.08
CA GLN D 22 14.29 -11.03 -19.28
C GLN D 22 15.72 -11.55 -19.28
N GLU D 23 16.50 -11.23 -20.33
CA GLU D 23 17.90 -11.65 -20.37
C GLU D 23 18.72 -10.93 -19.31
N ALA D 24 18.45 -9.63 -19.13
CA ALA D 24 19.15 -8.83 -18.12
C ALA D 24 19.09 -9.49 -16.75
N TYR D 25 17.87 -9.82 -16.29
CA TYR D 25 17.74 -10.46 -15.00
C TYR D 25 18.54 -11.76 -14.96
N THR D 26 18.47 -12.56 -16.04
CA THR D 26 19.22 -13.82 -16.08
C THR D 26 20.72 -13.56 -16.11
N ASP D 27 21.16 -12.48 -16.76
CA ASP D 27 22.57 -12.13 -16.75
C ASP D 27 23.04 -11.82 -15.35
N ILE D 28 22.49 -10.77 -14.73
CA ILE D 28 22.85 -10.39 -13.37
C ILE D 28 22.87 -11.61 -12.46
N GLY D 29 21.91 -12.52 -12.63
CA GLY D 29 21.92 -13.77 -11.88
C GLY D 29 23.14 -14.62 -12.16
N ALA D 30 23.66 -14.58 -13.40
CA ALA D 30 24.82 -15.41 -13.74
C ALA D 30 26.09 -14.92 -13.04
N VAL D 31 26.28 -13.60 -12.98
CA VAL D 31 27.46 -13.04 -12.31
C VAL D 31 27.35 -13.22 -10.79
N LEU D 32 26.17 -12.94 -10.22
CA LEU D 32 25.98 -13.25 -8.81
C LEU D 32 26.27 -14.72 -8.53
N ALA D 33 25.88 -15.59 -9.46
CA ALA D 33 26.20 -17.01 -9.32
C ALA D 33 27.69 -17.22 -9.09
N LYS D 34 28.55 -16.49 -9.82
CA LYS D 34 30.00 -16.69 -9.72
C LYS D 34 30.54 -16.46 -8.30
N PHE D 35 29.81 -15.73 -7.44
CA PHE D 35 30.28 -15.42 -6.09
C PHE D 35 29.40 -16.05 -5.01
N GLY D 36 28.61 -17.04 -5.38
CA GLY D 36 27.88 -17.82 -4.41
C GLY D 36 26.49 -17.33 -4.14
N PHE D 37 26.11 -16.20 -4.71
CA PHE D 37 24.76 -15.65 -4.53
C PHE D 37 23.85 -16.27 -5.58
N VAL D 38 22.82 -16.98 -5.14
CA VAL D 38 21.85 -17.57 -6.07
C VAL D 38 20.50 -17.71 -5.38
N ARG D 39 19.44 -17.42 -6.11
CA ARG D 39 18.08 -17.47 -5.58
C ARG D 39 17.51 -18.87 -5.65
N THR D 40 16.79 -19.25 -4.60
CA THR D 40 16.20 -20.56 -4.43
C THR D 40 14.70 -20.51 -4.20
N GLN D 41 14.23 -19.53 -3.42
CA GLN D 41 12.88 -19.46 -2.88
C GLN D 41 12.03 -18.40 -3.55
N GLY D 42 12.63 -17.37 -4.11
CA GLY D 42 11.94 -16.18 -4.55
C GLY D 42 12.82 -15.39 -5.47
N SER D 43 12.87 -14.07 -5.27
CA SER D 43 13.78 -13.22 -6.03
C SER D 43 14.89 -12.65 -5.15
N LEU D 44 15.24 -13.37 -4.08
CA LEU D 44 16.33 -13.00 -3.20
C LEU D 44 17.52 -13.91 -3.42
N TYR D 45 18.66 -13.30 -3.76
CA TYR D 45 19.91 -14.01 -4.02
C TYR D 45 20.72 -14.06 -2.72
N THR D 46 20.98 -15.27 -2.24
CA THR D 46 21.55 -15.52 -0.92
C THR D 46 22.92 -16.19 -1.06
N ASN D 47 23.77 -16.08 -0.03
CA ASN D 47 25.06 -16.77 -0.14
C ASN D 47 25.46 -17.58 1.09
N MSE D 48 25.01 -17.17 2.28
CA MSE D 48 25.26 -17.90 3.54
C MSE D 48 26.72 -17.88 4.01
O MSE D 48 27.00 -18.22 5.16
CB MSE D 48 24.79 -19.37 3.44
CG MSE D 48 24.22 -19.86 4.75
SE MSE D 48 22.83 -21.19 4.47
CE MSE D 48 22.35 -21.55 6.33
N ASN D 49 27.60 -17.41 3.13
CA ASN D 49 28.98 -17.06 3.46
C ASN D 49 28.99 -15.55 3.66
N GLU D 50 28.98 -15.12 4.92
CA GLU D 50 28.95 -13.70 5.23
C GLU D 50 30.34 -13.09 5.16
N ASP D 51 30.91 -13.15 3.96
CA ASP D 51 32.23 -12.58 3.69
C ASP D 51 32.04 -11.23 3.02
N MSE D 52 32.27 -10.15 3.77
CA MSE D 52 31.97 -8.82 3.25
C MSE D 52 32.85 -8.54 2.04
O MSE D 52 32.41 -7.88 1.09
CB MSE D 52 32.17 -7.74 4.30
CG MSE D 52 31.41 -8.01 5.58
SE MSE D 52 31.48 -6.53 6.87
CE MSE D 52 30.20 -5.32 6.10
N ALA D 53 34.08 -9.05 2.08
CA ALA D 53 34.99 -8.95 0.93
C ALA D 53 34.35 -9.52 -0.33
N ASN D 54 33.82 -10.75 -0.23
CA ASN D 54 33.19 -11.36 -1.39
C ASN D 54 32.08 -10.49 -1.95
N LEU D 55 31.13 -10.09 -1.10
CA LEU D 55 30.02 -9.27 -1.56
C LEU D 55 30.51 -8.05 -2.33
N PHE D 56 31.55 -7.39 -1.82
CA PHE D 56 32.04 -6.21 -2.52
C PHE D 56 32.65 -6.61 -3.85
N GLN D 57 33.31 -7.76 -3.89
CA GLN D 57 33.85 -8.24 -5.16
C GLN D 57 32.73 -8.60 -6.12
N ALA D 58 31.62 -9.14 -5.60
CA ALA D 58 30.47 -9.45 -6.45
C ALA D 58 29.84 -8.18 -7.01
N MSE D 59 29.66 -7.16 -6.18
CA MSE D 59 29.16 -5.89 -6.65
C MSE D 59 30.07 -5.29 -7.70
O MSE D 59 29.60 -4.71 -8.67
CB MSE D 59 28.99 -4.90 -5.51
CG MSE D 59 27.99 -5.29 -4.44
SE MSE D 59 26.14 -5.34 -5.16
CE MSE D 59 26.16 -3.66 -6.11
N ASN D 60 31.37 -5.44 -7.49
CA ASN D 60 32.32 -4.85 -8.43
C ASN D 60 32.16 -5.47 -9.82
N ALA D 61 32.11 -6.81 -9.87
CA ALA D 61 31.87 -7.50 -11.12
C ALA D 61 30.62 -6.98 -11.80
N LEU D 62 29.56 -6.77 -11.02
CA LEU D 62 28.28 -6.34 -11.55
C LEU D 62 28.39 -4.99 -12.25
N LYS D 63 29.34 -4.13 -11.82
CA LYS D 63 29.56 -2.84 -12.48
C LYS D 63 30.15 -3.01 -13.87
N GLN D 64 30.84 -4.13 -14.13
CA GLN D 64 31.51 -4.35 -15.40
C GLN D 64 30.57 -4.68 -16.56
N LEU D 65 29.28 -4.88 -16.30
CA LEU D 65 28.28 -4.95 -17.36
C LEU D 65 28.01 -3.56 -17.91
N ALA D 66 28.22 -3.37 -19.23
CA ALA D 66 28.17 -2.02 -19.78
C ALA D 66 26.78 -1.42 -19.77
N TRP D 67 25.75 -2.23 -19.50
CA TRP D 67 24.37 -1.76 -19.54
C TRP D 67 23.75 -1.57 -18.16
N ILE D 68 24.46 -1.92 -17.08
CA ILE D 68 23.90 -1.79 -15.74
C ILE D 68 23.61 -0.34 -15.40
N SER D 69 24.61 0.54 -15.50
CA SER D 69 24.46 1.85 -14.88
C SER D 69 23.28 2.64 -15.44
N GLN D 70 22.79 2.30 -16.63
CA GLN D 70 21.66 3.02 -17.21
C GLN D 70 20.31 2.30 -17.03
N SER D 71 20.30 1.06 -16.53
CA SER D 71 19.07 0.29 -16.49
C SER D 71 18.72 -0.28 -15.12
N VAL D 72 19.46 0.02 -14.06
CA VAL D 72 19.13 -0.45 -12.72
C VAL D 72 18.27 0.59 -12.04
N ARG D 73 17.20 0.15 -11.38
CA ARG D 73 16.33 1.03 -10.60
C ARG D 73 16.75 1.10 -9.15
N ASP D 74 17.01 -0.05 -8.53
CA ASP D 74 17.56 -0.11 -7.19
C ASP D 74 18.22 -1.47 -7.01
N ILE D 75 19.35 -1.49 -6.27
CA ILE D 75 20.01 -2.74 -5.90
C ILE D 75 20.49 -2.61 -4.46
N ARG D 76 20.03 -3.54 -3.60
CA ARG D 76 20.21 -3.44 -2.16
C ARG D 76 20.72 -4.77 -1.61
N ALA D 77 21.54 -4.70 -0.57
CA ALA D 77 22.10 -5.89 0.05
C ALA D 77 21.93 -5.77 1.56
N PHE D 78 21.69 -6.90 2.24
CA PHE D 78 21.46 -6.86 3.67
C PHE D 78 21.80 -8.23 4.24
N ARG D 79 21.89 -8.30 5.58
CA ARG D 79 22.22 -9.54 6.26
C ARG D 79 20.92 -10.18 6.74
N ILE D 80 20.65 -11.40 6.30
CA ILE D 80 19.48 -12.16 6.74
C ILE D 80 19.93 -13.15 7.80
N GLU D 81 19.50 -12.96 9.03
CA GLU D 81 19.58 -14.05 9.98
C GLU D 81 18.15 -14.39 10.38
N GLN D 82 17.99 -15.48 11.14
CA GLN D 82 16.69 -15.88 11.68
C GLN D 82 15.57 -15.76 10.63
N TRP D 83 15.65 -16.58 9.61
CA TRP D 83 14.48 -16.74 8.77
C TRP D 83 13.57 -17.79 9.38
N SER D 84 12.31 -17.78 8.94
CA SER D 84 11.32 -18.74 9.41
C SER D 84 10.22 -18.85 8.37
N ASP D 85 9.91 -20.08 7.95
CA ASP D 85 8.89 -20.30 6.94
C ASP D 85 7.53 -20.48 7.58
N PHE D 86 6.51 -20.01 6.88
CA PHE D 86 5.14 -20.04 7.35
C PHE D 86 4.30 -20.86 6.37
N THR D 87 3.78 -21.99 6.86
CA THR D 87 2.68 -22.71 6.24
C THR D 87 1.61 -22.96 7.28
N ASP D 88 1.48 -22.05 8.26
CA ASP D 88 0.33 -22.11 9.14
C ASP D 88 -0.88 -21.61 8.35
N PHE D 89 -1.50 -22.53 7.61
CA PHE D 89 -2.66 -22.27 6.76
C PHE D 89 -3.45 -23.57 6.68
N ILE D 90 -4.55 -23.66 7.43
CA ILE D 90 -5.32 -24.89 7.59
C ILE D 90 -4.40 -26.02 8.01
N SER E 16 -33.67 4.00 -14.63
CA SER E 16 -33.56 5.38 -15.10
C SER E 16 -34.88 6.19 -14.97
N SER E 17 -35.47 6.22 -13.77
CA SER E 17 -36.75 6.90 -13.52
C SER E 17 -36.62 8.14 -12.66
N SER E 18 -35.45 8.35 -12.03
CA SER E 18 -35.17 9.28 -10.94
C SER E 18 -35.71 8.70 -9.65
N MSE E 19 -36.50 7.65 -9.71
CA MSE E 19 -36.63 6.81 -8.53
C MSE E 19 -35.64 5.68 -8.72
O MSE E 19 -34.80 5.42 -7.86
CB MSE E 19 -38.02 6.25 -8.34
CG MSE E 19 -38.04 5.32 -7.15
SE MSE E 19 -39.52 4.03 -6.98
CE MSE E 19 -38.78 2.51 -7.97
N GLU E 20 -35.75 5.01 -9.87
CA GLU E 20 -34.92 3.85 -10.13
C GLU E 20 -33.44 4.17 -9.99
N LEU E 21 -33.04 5.38 -10.39
CA LEU E 21 -31.71 5.85 -10.02
C LEU E 21 -31.59 6.05 -8.52
N ARG E 22 -32.44 6.88 -7.93
CA ARG E 22 -32.23 7.23 -6.53
C ARG E 22 -32.22 5.98 -5.64
N GLN E 23 -33.10 5.03 -5.90
CA GLN E 23 -33.15 3.85 -5.02
C GLN E 23 -31.98 2.91 -5.17
N GLN E 24 -31.03 3.37 -5.98
CA GLN E 24 -29.75 2.69 -6.14
C GLN E 24 -28.61 3.30 -5.32
N ILE E 25 -28.70 4.59 -4.94
CA ILE E 25 -27.63 5.18 -4.12
C ILE E 25 -27.90 4.69 -2.70
N PRO E 26 -26.95 3.96 -2.08
CA PRO E 26 -27.22 3.44 -0.73
C PRO E 26 -26.94 4.50 0.34
N THR E 27 -27.83 5.50 0.37
CA THR E 27 -27.75 6.55 1.38
C THR E 27 -27.68 5.91 2.76
N GLY E 28 -26.65 6.29 3.53
CA GLY E 28 -26.42 5.75 4.84
C GLY E 28 -25.25 4.80 4.94
N CYS E 29 -24.89 4.13 3.83
CA CYS E 29 -23.75 3.21 3.83
C CYS E 29 -22.47 3.98 4.12
N ILE E 30 -21.60 3.36 4.91
CA ILE E 30 -20.28 3.90 5.21
C ILE E 30 -19.28 3.08 4.39
N LYS E 31 -18.82 3.63 3.29
CA LYS E 31 -17.90 2.94 2.44
C LYS E 31 -16.51 3.57 2.56
N GLN E 32 -15.58 3.11 1.73
CA GLN E 32 -14.21 3.53 1.86
C GLN E 32 -13.52 3.34 0.51
N PHE E 33 -12.65 4.30 0.17
CA PHE E 33 -12.32 4.52 -1.22
C PHE E 33 -11.57 3.35 -1.82
N GLY E 34 -10.68 2.72 -1.10
CA GLY E 34 -10.10 1.47 -1.56
C GLY E 34 -9.61 0.71 -0.43
N GLN E 35 -8.60 -0.11 -0.68
CA GLN E 35 -7.79 -0.65 0.41
C GLN E 35 -7.02 0.44 1.15
N PHE E 36 -6.60 1.49 0.43
CA PHE E 36 -5.78 2.56 0.96
C PHE E 36 -6.53 3.89 1.10
N GLY E 37 -7.83 3.91 0.82
CA GLY E 37 -8.57 5.15 0.93
C GLY E 37 -9.15 5.39 2.30
N VAL E 38 -9.72 6.58 2.46
CA VAL E 38 -10.36 7.04 3.70
C VAL E 38 -11.81 6.57 3.68
N PRO E 39 -12.46 6.44 4.83
CA PRO E 39 -13.88 6.08 4.81
C PRO E 39 -14.74 7.31 4.61
N TYR E 40 -15.92 7.09 4.02
CA TYR E 40 -16.91 8.13 3.73
C TYR E 40 -18.31 7.58 3.95
N VAL E 41 -19.29 8.49 4.09
CA VAL E 41 -20.70 8.14 4.35
C VAL E 41 -21.55 8.60 3.16
N VAL E 42 -22.39 7.71 2.63
CA VAL E 42 -23.14 7.98 1.39
C VAL E 42 -24.31 8.90 1.68
N GLY E 43 -24.33 10.07 1.06
CA GLY E 43 -25.44 10.98 1.18
C GLY E 43 -26.53 10.70 0.17
N GLU E 44 -27.28 11.74 -0.20
CA GLU E 44 -28.29 11.60 -1.24
C GLU E 44 -27.85 12.28 -2.54
N VAL E 45 -28.77 12.33 -3.53
CA VAL E 45 -28.40 12.74 -4.88
C VAL E 45 -27.87 14.16 -4.90
N ALA E 46 -26.94 14.42 -5.81
CA ALA E 46 -26.41 15.74 -6.05
C ALA E 46 -26.77 16.28 -7.43
N GLU E 47 -26.67 15.44 -8.46
CA GLU E 47 -26.98 15.79 -9.85
C GLU E 47 -27.18 14.50 -10.63
N PHE E 48 -27.91 14.61 -11.74
CA PHE E 48 -28.12 13.48 -12.65
C PHE E 48 -27.31 13.75 -13.91
N LEU E 49 -26.09 13.23 -13.93
CA LEU E 49 -25.23 13.45 -15.08
C LEU E 49 -25.79 12.74 -16.30
N PRO E 50 -25.69 13.35 -17.49
CA PRO E 50 -26.16 12.67 -18.69
C PRO E 50 -25.30 11.48 -19.10
N ASP E 51 -24.08 11.31 -18.55
CA ASP E 51 -23.34 10.06 -18.77
C ASP E 51 -24.21 8.85 -18.51
N GLY E 52 -25.22 9.01 -17.64
CA GLY E 52 -26.05 7.95 -17.15
C GLY E 52 -26.01 7.85 -15.63
N ASP E 53 -24.83 7.92 -15.04
CA ASP E 53 -24.77 7.77 -13.59
C ASP E 53 -24.94 9.14 -12.94
N VAL E 54 -24.81 9.16 -11.62
CA VAL E 54 -25.29 10.28 -10.84
C VAL E 54 -24.20 10.75 -9.89
N LEU E 55 -24.21 12.05 -9.61
CA LEU E 55 -23.32 12.62 -8.59
C LEU E 55 -23.98 12.47 -7.24
N VAL E 56 -23.33 11.74 -6.33
CA VAL E 56 -23.83 11.50 -4.99
C VAL E 56 -23.15 12.46 -4.03
N ASN E 57 -23.93 13.14 -3.21
CA ASN E 57 -23.39 13.86 -2.07
C ASN E 57 -22.78 12.90 -1.07
N ILE E 58 -21.60 13.24 -0.58
CA ILE E 58 -20.80 12.37 0.30
C ILE E 58 -20.06 13.21 1.33
N THR E 59 -19.98 12.71 2.57
CA THR E 59 -19.17 13.36 3.58
C THR E 59 -18.12 12.37 4.05
N LEU E 60 -16.86 12.82 3.99
CA LEU E 60 -15.73 12.04 4.47
C LEU E 60 -15.80 11.89 5.98
N LEU E 61 -15.79 10.64 6.44
CA LEU E 61 -16.08 10.35 7.84
C LEU E 61 -15.09 11.03 8.79
N GLN E 62 -13.81 10.75 8.62
CA GLN E 62 -12.83 11.16 9.62
C GLN E 62 -12.41 12.61 9.50
N SER E 63 -12.75 13.31 8.41
CA SER E 63 -12.45 14.73 8.31
C SER E 63 -13.67 15.62 8.34
N GLY E 64 -14.86 15.07 8.10
CA GLY E 64 -16.06 15.86 8.11
C GLY E 64 -16.30 16.67 6.87
N GLU E 65 -15.34 16.69 5.95
CA GLU E 65 -15.51 17.34 4.65
C GLU E 65 -16.65 16.71 3.91
N LYS E 66 -17.49 17.55 3.31
CA LYS E 66 -18.45 17.11 2.33
C LYS E 66 -17.81 17.12 0.94
N ASP E 67 -18.22 16.16 0.11
CA ASP E 67 -17.65 15.98 -1.23
C ASP E 67 -18.72 15.36 -2.13
N ILE E 68 -18.34 15.05 -3.38
CA ILE E 68 -19.25 14.60 -4.44
C ILE E 68 -18.61 13.47 -5.24
N TYR E 69 -19.40 12.48 -5.63
CA TYR E 69 -18.84 11.21 -6.08
C TYR E 69 -19.75 10.53 -7.09
N ARG E 70 -19.17 9.97 -8.14
CA ARG E 70 -19.96 9.25 -9.14
C ARG E 70 -20.52 7.97 -8.53
N LEU E 71 -21.81 7.72 -8.77
CA LEU E 71 -22.44 6.52 -8.23
C LEU E 71 -21.81 5.25 -8.80
N SER E 72 -21.40 5.29 -10.08
CA SER E 72 -20.77 4.13 -10.71
C SER E 72 -19.50 3.73 -9.99
N TYR E 73 -18.68 4.72 -9.61
CA TYR E 73 -17.56 4.45 -8.73
C TYR E 73 -18.01 3.98 -7.36
N LEU E 74 -19.00 4.67 -6.77
CA LEU E 74 -19.45 4.42 -5.41
C LEU E 74 -19.82 2.96 -5.20
N LEU E 75 -20.68 2.43 -6.06
CA LEU E 75 -21.21 1.08 -5.89
C LEU E 75 -20.13 0.01 -5.88
N GLU E 76 -18.88 0.35 -6.20
CA GLU E 76 -17.80 -0.63 -6.31
C GLU E 76 -16.79 -0.57 -5.18
N ASP E 77 -16.62 0.59 -4.53
CA ASP E 77 -15.83 0.66 -3.33
C ASP E 77 -16.37 -0.32 -2.29
N PRO E 78 -15.53 -0.79 -1.38
CA PRO E 78 -15.99 -1.71 -0.33
C PRO E 78 -16.57 -0.97 0.88
N GLU E 79 -17.09 -1.77 1.80
CA GLU E 79 -17.62 -1.24 3.05
C GLU E 79 -16.47 -0.86 3.97
N ALA E 80 -16.62 0.24 4.69
CA ALA E 80 -15.61 0.64 5.67
C ALA E 80 -15.49 -0.43 6.76
N GLU E 81 -14.25 -0.75 7.11
CA GLU E 81 -13.94 -1.93 7.94
C GLU E 81 -13.69 -1.57 9.41
N GLU F 20 -6.65 -15.80 -34.66
CA GLU F 20 -7.48 -14.77 -34.05
C GLU F 20 -6.99 -14.38 -32.66
N LEU F 21 -7.52 -15.06 -31.62
CA LEU F 21 -7.19 -14.74 -30.24
C LEU F 21 -5.73 -15.06 -29.88
N ARG F 22 -5.05 -15.92 -30.66
CA ARG F 22 -3.62 -16.14 -30.43
C ARG F 22 -2.79 -14.94 -30.90
N GLN F 23 -3.34 -14.11 -31.80
CA GLN F 23 -2.75 -12.85 -32.20
C GLN F 23 -3.13 -11.73 -31.24
N GLN F 24 -4.21 -11.90 -30.48
CA GLN F 24 -4.65 -10.85 -29.56
C GLN F 24 -3.83 -10.84 -28.26
N ILE F 25 -3.36 -12.00 -27.80
CA ILE F 25 -2.56 -11.99 -26.57
C ILE F 25 -1.22 -11.35 -26.85
N PRO F 26 -0.76 -10.44 -26.02
CA PRO F 26 0.48 -9.69 -26.33
C PRO F 26 1.74 -10.42 -25.87
N THR F 27 1.99 -11.57 -26.48
CA THR F 27 3.17 -12.38 -26.13
C THR F 27 4.44 -11.55 -26.20
N GLY F 28 5.30 -11.70 -25.17
CA GLY F 28 6.54 -10.98 -25.09
C GLY F 28 6.51 -9.66 -24.35
N CYS F 29 5.33 -9.15 -24.00
CA CYS F 29 5.23 -7.89 -23.26
C CYS F 29 5.42 -8.13 -21.77
N ILE F 30 5.97 -7.13 -21.09
CA ILE F 30 6.21 -7.18 -19.64
C ILE F 30 5.09 -6.39 -18.95
N LYS F 31 4.35 -7.07 -18.07
CA LYS F 31 3.30 -6.41 -17.31
C LYS F 31 3.46 -6.71 -15.83
N GLN F 32 2.83 -5.86 -15.02
CA GLN F 32 2.87 -5.92 -13.56
C GLN F 32 1.46 -6.17 -13.05
N PHE F 33 1.36 -6.78 -11.87
CA PHE F 33 0.06 -7.09 -11.30
C PHE F 33 -0.51 -5.90 -10.55
N GLY F 34 -0.60 -4.74 -11.21
CA GLY F 34 -1.08 -3.55 -10.53
C GLY F 34 0.00 -2.87 -9.70
N GLN F 35 -0.44 -1.98 -8.81
CA GLN F 35 0.51 -1.13 -8.10
C GLN F 35 1.28 -1.88 -7.02
N PHE F 36 0.75 -3.00 -6.54
CA PHE F 36 1.41 -3.72 -5.45
C PHE F 36 1.81 -5.14 -5.84
N GLY F 37 1.79 -5.46 -7.13
CA GLY F 37 2.17 -6.78 -7.59
C GLY F 37 3.58 -6.82 -8.13
N VAL F 38 4.01 -8.04 -8.46
CA VAL F 38 5.29 -8.30 -9.11
C VAL F 38 5.10 -8.22 -10.62
N PRO F 39 6.18 -8.08 -11.40
CA PRO F 39 6.04 -8.07 -12.85
C PRO F 39 6.22 -9.46 -13.44
N TYR F 40 5.56 -9.68 -14.58
CA TYR F 40 5.58 -10.96 -15.28
C TYR F 40 5.84 -10.74 -16.77
N VAL F 41 6.26 -11.81 -17.44
CA VAL F 41 6.49 -11.82 -18.89
C VAL F 41 5.42 -12.71 -19.55
N VAL F 42 4.79 -12.19 -20.61
CA VAL F 42 3.70 -12.88 -21.29
C VAL F 42 4.27 -13.83 -22.34
N GLY F 43 3.63 -14.98 -22.48
CA GLY F 43 4.08 -15.99 -23.42
C GLY F 43 3.04 -16.40 -24.45
N GLU F 44 3.17 -17.61 -24.99
CA GLU F 44 2.21 -18.15 -25.93
C GLU F 44 1.02 -18.74 -25.18
N VAL F 45 -0.03 -19.07 -25.92
CA VAL F 45 -1.29 -19.52 -25.31
C VAL F 45 -1.10 -20.87 -24.62
N ALA F 46 -1.97 -21.14 -23.64
CA ALA F 46 -1.90 -22.38 -22.90
C ALA F 46 -3.16 -23.22 -23.02
N GLU F 47 -4.34 -22.62 -22.86
CA GLU F 47 -5.60 -23.33 -23.03
C GLU F 47 -6.68 -22.37 -23.49
N PHE F 48 -7.69 -22.92 -24.17
CA PHE F 48 -8.87 -22.18 -24.57
C PHE F 48 -10.01 -22.71 -23.72
N LEU F 49 -10.57 -21.85 -22.90
CA LEU F 49 -11.62 -22.35 -22.02
C LEU F 49 -13.01 -22.02 -22.58
N PRO F 50 -14.04 -22.73 -22.14
CA PRO F 50 -15.41 -22.43 -22.62
C PRO F 50 -15.94 -21.06 -22.16
N ASP F 51 -15.28 -20.40 -21.22
CA ASP F 51 -15.75 -19.08 -20.79
C ASP F 51 -15.64 -18.07 -21.91
N GLY F 52 -14.60 -18.19 -22.74
CA GLY F 52 -14.35 -17.27 -23.84
C GLY F 52 -12.94 -16.72 -23.85
N ASP F 53 -12.39 -16.44 -22.66
CA ASP F 53 -11.00 -16.01 -22.54
C ASP F 53 -10.10 -17.24 -22.47
N VAL F 54 -8.87 -17.06 -22.92
CA VAL F 54 -7.91 -18.15 -23.00
C VAL F 54 -7.05 -18.13 -21.74
N LEU F 55 -6.35 -19.24 -21.51
CA LEU F 55 -5.30 -19.29 -20.50
C LEU F 55 -3.96 -19.10 -21.21
N VAL F 56 -3.19 -18.12 -20.78
CA VAL F 56 -1.89 -17.82 -21.36
C VAL F 56 -0.80 -18.30 -20.41
N ASN F 57 0.38 -18.51 -21.00
CA ASN F 57 1.56 -18.93 -20.26
C ASN F 57 2.33 -17.69 -19.85
N ILE F 58 2.27 -17.37 -18.57
CA ILE F 58 2.92 -16.21 -18.02
C ILE F 58 4.20 -16.67 -17.36
N THR F 59 5.14 -15.75 -17.16
CA THR F 59 6.31 -16.14 -16.37
C THR F 59 6.79 -14.97 -15.52
N LEU F 60 6.88 -15.20 -14.21
CA LEU F 60 7.20 -14.14 -13.26
C LEU F 60 8.62 -13.67 -13.46
N LEU F 61 8.78 -12.37 -13.76
CA LEU F 61 10.08 -11.85 -14.16
C LEU F 61 11.13 -12.07 -13.08
N GLN F 62 10.86 -11.68 -11.84
CA GLN F 62 11.93 -11.63 -10.86
C GLN F 62 12.16 -12.96 -10.15
N SER F 63 11.10 -13.69 -9.81
CA SER F 63 11.28 -15.00 -9.19
C SER F 63 11.59 -16.08 -10.21
N GLY F 64 11.20 -15.86 -11.47
CA GLY F 64 11.48 -16.77 -12.56
C GLY F 64 10.48 -17.89 -12.73
N GLU F 65 9.66 -18.15 -11.72
CA GLU F 65 8.74 -19.26 -11.79
C GLU F 65 7.65 -19.01 -12.84
N LYS F 66 7.34 -20.04 -13.62
CA LYS F 66 6.29 -19.91 -14.62
C LYS F 66 4.92 -20.09 -13.98
N ASP F 67 3.91 -19.54 -14.64
CA ASP F 67 2.56 -19.51 -14.12
C ASP F 67 1.61 -19.26 -15.30
N ILE F 68 0.32 -19.39 -15.04
CA ILE F 68 -0.70 -19.34 -16.09
C ILE F 68 -1.79 -18.37 -15.68
N TYR F 69 -2.16 -17.47 -16.60
CA TYR F 69 -2.97 -16.30 -16.32
C TYR F 69 -4.20 -16.29 -17.23
N ARG F 70 -5.32 -15.75 -16.73
CA ARG F 70 -6.47 -15.51 -17.59
C ARG F 70 -6.24 -14.29 -18.45
N LEU F 71 -6.51 -14.44 -19.76
CA LEU F 71 -6.38 -13.33 -20.72
C LEU F 71 -7.41 -12.23 -20.48
N SER F 72 -8.62 -12.58 -20.04
CA SER F 72 -9.59 -11.56 -19.67
C SER F 72 -9.03 -10.67 -18.58
N TYR F 73 -8.35 -11.27 -17.59
CA TYR F 73 -7.69 -10.50 -16.55
C TYR F 73 -6.43 -9.80 -17.05
N LEU F 74 -5.65 -10.50 -17.89
CA LEU F 74 -4.31 -10.03 -18.27
C LEU F 74 -4.36 -8.68 -18.98
N LEU F 75 -5.40 -8.43 -19.76
CA LEU F 75 -5.46 -7.23 -20.57
C LEU F 75 -5.75 -5.96 -19.77
N GLU F 76 -6.08 -6.09 -18.48
CA GLU F 76 -6.32 -4.95 -17.60
C GLU F 76 -5.06 -4.50 -16.88
N ASP F 77 -4.13 -5.42 -16.63
CA ASP F 77 -2.94 -5.13 -15.86
C ASP F 77 -2.02 -4.17 -16.61
N PRO F 78 -1.28 -3.35 -15.89
CA PRO F 78 -0.51 -2.27 -16.54
C PRO F 78 0.85 -2.74 -17.01
N GLU F 79 1.44 -1.95 -17.90
CA GLU F 79 2.80 -2.23 -18.31
C GLU F 79 3.75 -2.08 -17.13
N ALA F 80 4.71 -2.99 -17.04
CA ALA F 80 5.69 -2.94 -15.98
C ALA F 80 6.62 -1.74 -16.16
N GLU F 81 7.01 -1.14 -15.05
CA GLU F 81 7.85 0.05 -15.09
C GLU F 81 9.30 -0.32 -14.73
#